data_4NZW
#
_entry.id   4NZW
#
_cell.length_a   116.718
_cell.length_b   116.718
_cell.length_c   126.810
_cell.angle_alpha   90.00
_cell.angle_beta   90.00
_cell.angle_gamma   90.00
#
_symmetry.space_group_name_H-M   'P 43 21 2'
#
loop_
_entity.id
_entity.type
_entity.pdbx_description
1 polymer 'Calcium-binding protein 39'
2 polymer 'Serine/threonine-protein kinase 25'
3 non-polymer 5-[(E)-(5-CHLORO-2-OXO-1,2-DIHYDRO-3H-INDOL-3-YLIDENE)METHYL]-N-[2-(DIETHYLAMINO)ETHYL]-2,4-DIMETHYL-1H-PYRROLE-3-CARBOXAMIDE
#
loop_
_entity_poly.entity_id
_entity_poly.type
_entity_poly.pdbx_seq_one_letter_code
_entity_poly.pdbx_strand_id
1 'polypeptide(L)'
;GAMASHKSPADIVKNLKESMAVLEKQDISDKKAEKATEEVSKNLVAMKEILYGTNEKEPQTEAVAQLAQELYNSGLLSTL
VADLQLIDFEGKKDVAQIFNNILRRQIGTRTPTVEYICTQQNILFMLLKGYESPEIALNCGIMLRECIRHEPLAKIILWS
EQFYDFFRYVEMSTFDIASDAFATFKDLLTRHKLLSAEFLEQHYDRFFSEYEKLLHSENYVTKRQSLKLLGELLLDRHNF
TIMTKYISKPENLKLMMNLLRDKSRNIQFEAFHVFKVFVANPNKTQPILDILLKNQAKLIEFLSKFQNDRTEDEQFNDEK
TYLVKQIRDLK
;
A
2 'polypeptide(L)'
;QAMAHLRGFANQHSRVDPEELFTKLDRIGKGSFGEVYKGIDNHTKEVVAIKIIDLEEAEDEIEDIQQEITVLSQCDSPYI
TRYFGSYLKSTKLWIIMEYLGGGSALDLLKPGPLEETYIATILREILKGLDYLHSERKIHRDIKAANVLLSEQGDVKLAA
FGVAGQLTDTQIKRNTFVGTPFWMAPEVIKQSAYDFKADIWSLGITAIELAKGEPPNSDLHPMRVLFLIPKNSPPTLEGQ
HSKPFKEFVEACLNKDPRFRPTAKELLKHKFITRYTKKTSFLTELIDRYKRWKSE
;
B
#
# COMPACT_ATOMS: atom_id res chain seq x y z
N SER A 8 -21.32 29.39 2.57
CA SER A 8 -22.26 28.50 3.25
C SER A 8 -22.27 27.12 2.60
N PRO A 9 -22.33 26.06 3.43
CA PRO A 9 -22.34 24.67 2.96
C PRO A 9 -23.49 24.38 2.00
N ALA A 10 -24.65 24.99 2.24
CA ALA A 10 -25.81 24.79 1.39
C ALA A 10 -25.54 25.22 -0.04
N ASP A 11 -24.74 26.27 -0.21
CA ASP A 11 -24.37 26.74 -1.53
C ASP A 11 -23.30 25.84 -2.15
N ILE A 12 -22.41 25.33 -1.31
CA ILE A 12 -21.34 24.46 -1.77
C ILE A 12 -21.87 23.13 -2.29
N VAL A 13 -22.85 22.57 -1.57
CA VAL A 13 -23.49 21.33 -1.99
C VAL A 13 -24.17 21.50 -3.34
N LYS A 14 -24.90 22.60 -3.50
CA LYS A 14 -25.63 22.86 -4.73
C LYS A 14 -24.69 23.16 -5.89
N ASN A 15 -23.55 23.77 -5.59
CA ASN A 15 -22.53 24.04 -6.60
C ASN A 15 -21.87 22.76 -7.09
N LEU A 16 -21.69 21.81 -6.18
CA LEU A 16 -21.06 20.54 -6.52
C LEU A 16 -22.08 19.60 -7.17
N LYS A 17 -23.34 19.72 -6.76
CA LYS A 17 -24.40 18.88 -7.28
C LYS A 17 -24.68 19.18 -8.75
N GLU A 18 -24.60 20.47 -9.12
CA GLU A 18 -24.87 20.88 -10.49
C GLU A 18 -23.69 20.61 -11.41
N SER A 19 -22.49 20.61 -10.84
CA SER A 19 -21.28 20.38 -11.63
C SER A 19 -21.10 18.89 -11.94
N MET A 20 -21.58 18.05 -11.05
CA MET A 20 -21.52 16.60 -11.25
C MET A 20 -22.52 16.18 -12.32
N ALA A 21 -23.61 16.94 -12.46
CA ALA A 21 -24.63 16.65 -13.46
C ALA A 21 -24.15 17.00 -14.87
N VAL A 22 -23.03 17.73 -14.94
CA VAL A 22 -22.45 18.11 -16.22
C VAL A 22 -21.61 16.98 -16.79
N LEU A 23 -20.77 16.37 -15.94
CA LEU A 23 -19.87 15.31 -16.37
C LEU A 23 -20.61 14.08 -16.87
N GLU A 24 -21.59 13.61 -16.10
CA GLU A 24 -22.37 12.43 -16.48
C GLU A 24 -23.26 12.72 -17.67
N LYS A 31 -13.12 18.43 -23.94
CA LYS A 31 -13.71 19.48 -24.77
C LYS A 31 -14.32 20.59 -23.92
N LYS A 32 -15.65 20.57 -23.80
CA LYS A 32 -16.38 21.59 -23.08
C LYS A 32 -16.58 21.24 -21.60
N ALA A 33 -15.99 20.14 -21.16
CA ALA A 33 -16.03 19.75 -19.75
C ALA A 33 -15.13 20.67 -18.96
N GLU A 34 -14.04 20.13 -18.42
CA GLU A 34 -13.00 20.92 -17.75
C GLU A 34 -13.50 21.88 -16.67
N LYS A 35 -14.32 22.85 -17.09
CA LYS A 35 -14.94 23.80 -16.17
C LYS A 35 -15.64 23.08 -15.03
N ALA A 36 -16.36 22.01 -15.36
CA ALA A 36 -17.03 21.19 -14.35
C ALA A 36 -16.00 20.48 -13.48
N THR A 37 -14.99 19.89 -14.12
CA THR A 37 -13.92 19.19 -13.42
C THR A 37 -13.18 20.14 -12.49
N GLU A 38 -13.05 21.40 -12.91
CA GLU A 38 -12.43 22.43 -12.08
C GLU A 38 -13.31 22.76 -10.89
N GLU A 39 -14.61 22.90 -11.14
CA GLU A 39 -15.59 23.18 -10.09
C GLU A 39 -15.69 22.03 -9.12
N VAL A 40 -15.76 20.81 -9.65
CA VAL A 40 -15.85 19.61 -8.82
C VAL A 40 -14.64 19.48 -7.91
N SER A 41 -13.45 19.68 -8.47
CA SER A 41 -12.21 19.59 -7.70
C SER A 41 -12.13 20.64 -6.60
N LYS A 42 -12.51 21.87 -6.94
CA LYS A 42 -12.46 22.97 -5.98
C LYS A 42 -13.52 22.88 -4.89
N ASN A 43 -14.68 22.34 -5.24
CA ASN A 43 -15.77 22.19 -4.28
C ASN A 43 -15.58 21.01 -3.34
N LEU A 44 -14.90 19.98 -3.81
CA LEU A 44 -14.57 18.83 -2.97
C LEU A 44 -13.58 19.23 -1.88
N VAL A 45 -12.67 20.13 -2.22
CA VAL A 45 -11.71 20.67 -1.26
C VAL A 45 -12.43 21.57 -0.26
N ALA A 46 -13.40 22.32 -0.75
CA ALA A 46 -14.18 23.24 0.08
C ALA A 46 -14.92 22.49 1.17
N MET A 47 -15.51 21.34 0.84
CA MET A 47 -16.21 20.52 1.80
C MET A 47 -15.26 19.94 2.84
N LYS A 48 -14.06 19.56 2.41
CA LYS A 48 -13.06 18.98 3.29
C LYS A 48 -12.62 19.96 4.38
N GLU A 49 -12.47 21.22 4.00
CA GLU A 49 -12.04 22.25 4.94
C GLU A 49 -13.14 22.63 5.91
N ILE A 50 -14.37 22.23 5.60
CA ILE A 50 -15.48 22.44 6.51
C ILE A 50 -15.46 21.36 7.61
N LEU A 51 -15.11 20.14 7.22
CA LEU A 51 -15.11 19.00 8.13
C LEU A 51 -13.82 18.89 8.95
N TYR A 52 -12.74 19.51 8.47
CA TYR A 52 -11.44 19.39 9.13
C TYR A 52 -10.81 20.73 9.51
N GLY A 53 -11.02 21.74 8.68
CA GLY A 53 -10.47 23.05 8.94
C GLY A 53 -9.30 23.38 8.03
N LYS A 57 -7.63 25.02 11.28
CA LYS A 57 -8.38 26.10 11.91
C LYS A 57 -9.57 25.57 12.70
N GLU A 58 -9.65 24.25 12.79
CA GLU A 58 -10.71 23.54 13.53
C GLU A 58 -12.09 23.71 12.88
N PRO A 59 -12.77 22.59 12.58
CA PRO A 59 -14.08 22.62 11.95
C PRO A 59 -15.15 23.17 12.88
N GLN A 60 -16.04 24.00 12.33
CA GLN A 60 -17.10 24.59 13.14
C GLN A 60 -18.21 23.58 13.42
N THR A 61 -18.74 23.62 14.64
CA THR A 61 -19.71 22.63 15.08
C THR A 61 -21.05 22.69 14.34
N GLU A 62 -21.39 23.86 13.79
CA GLU A 62 -22.63 24.01 13.05
C GLU A 62 -22.41 23.93 11.54
N ALA A 63 -21.19 24.18 11.11
CA ALA A 63 -20.84 24.11 9.70
C ALA A 63 -20.91 22.67 9.20
N VAL A 64 -20.51 21.73 10.06
CA VAL A 64 -20.55 20.32 9.72
C VAL A 64 -21.98 19.78 9.78
N ALA A 65 -22.82 20.42 10.59
CA ALA A 65 -24.19 19.98 10.75
C ALA A 65 -25.09 20.54 9.66
N GLN A 66 -24.75 21.73 9.16
CA GLN A 66 -25.46 22.31 8.04
C GLN A 66 -25.09 21.56 6.76
N LEU A 67 -23.83 21.13 6.67
CA LEU A 67 -23.35 20.41 5.51
C LEU A 67 -23.96 19.01 5.43
N ALA A 68 -23.95 18.31 6.56
CA ALA A 68 -24.46 16.94 6.63
C ALA A 68 -25.95 16.87 6.32
N GLN A 69 -26.70 17.86 6.80
CA GLN A 69 -28.14 17.88 6.59
C GLN A 69 -28.49 18.20 5.14
N GLU A 70 -27.60 18.93 4.47
CA GLU A 70 -27.80 19.24 3.05
C GLU A 70 -27.37 18.08 2.16
N LEU A 71 -26.47 17.25 2.68
CA LEU A 71 -26.04 16.05 1.96
C LEU A 71 -27.13 15.00 1.95
N TYR A 72 -27.96 14.99 2.99
CA TYR A 72 -29.06 14.05 3.10
C TYR A 72 -30.21 14.46 2.19
N ASN A 73 -30.57 15.74 2.26
CA ASN A 73 -31.72 16.26 1.52
C ASN A 73 -31.49 16.35 0.01
N SER A 74 -30.23 16.47 -0.40
CA SER A 74 -29.92 16.60 -1.82
C SER A 74 -29.55 15.24 -2.44
N GLY A 75 -29.24 14.27 -1.60
CA GLY A 75 -28.85 12.96 -2.07
C GLY A 75 -27.54 12.99 -2.83
N LEU A 76 -26.63 13.84 -2.37
CA LEU A 76 -25.33 14.02 -3.04
C LEU A 76 -24.39 12.86 -2.74
N LEU A 77 -24.55 12.24 -1.58
CA LEU A 77 -23.73 11.10 -1.18
C LEU A 77 -23.88 9.95 -2.16
N SER A 78 -25.11 9.65 -2.55
CA SER A 78 -25.38 8.59 -3.50
C SER A 78 -24.90 8.97 -4.90
N THR A 79 -24.84 10.27 -5.15
CA THR A 79 -24.43 10.77 -6.47
C THR A 79 -22.92 10.65 -6.66
N LEU A 80 -22.15 11.06 -5.65
CA LEU A 80 -20.70 11.02 -5.72
C LEU A 80 -20.17 9.60 -5.82
N VAL A 81 -20.78 8.69 -5.07
CA VAL A 81 -20.37 7.28 -5.07
C VAL A 81 -20.68 6.64 -6.42
N ALA A 82 -21.83 6.99 -7.00
CA ALA A 82 -22.24 6.45 -8.30
C ALA A 82 -21.30 6.90 -9.41
N ASP A 83 -21.11 8.21 -9.53
CA ASP A 83 -20.24 8.77 -10.56
C ASP A 83 -18.85 9.04 -10.01
N LEU A 84 -18.28 8.06 -9.32
CA LEU A 84 -16.97 8.22 -8.69
C LEU A 84 -15.84 8.13 -9.72
N GLN A 85 -16.09 7.42 -10.82
CA GLN A 85 -15.09 7.24 -11.86
C GLN A 85 -14.80 8.54 -12.60
N LEU A 86 -15.81 9.41 -12.65
CA LEU A 86 -15.70 10.67 -13.41
C LEU A 86 -14.84 11.70 -12.69
N ILE A 87 -14.71 11.55 -11.37
CA ILE A 87 -13.93 12.48 -10.57
C ILE A 87 -12.43 12.25 -10.77
N ASP A 88 -11.63 13.30 -10.62
CA ASP A 88 -10.18 13.21 -10.76
C ASP A 88 -9.57 12.38 -9.63
N PHE A 89 -8.25 12.21 -9.68
CA PHE A 89 -7.55 11.39 -8.69
C PHE A 89 -7.65 11.95 -7.28
N GLU A 90 -7.20 13.19 -7.10
CA GLU A 90 -7.23 13.84 -5.80
C GLU A 90 -8.65 13.96 -5.28
N GLY A 91 -9.61 14.10 -6.19
CA GLY A 91 -11.01 14.19 -5.84
C GLY A 91 -11.53 12.92 -5.19
N LYS A 92 -11.17 11.78 -5.77
CA LYS A 92 -11.58 10.47 -5.24
C LYS A 92 -11.08 10.29 -3.80
N LYS A 93 -9.87 10.78 -3.54
CA LYS A 93 -9.31 10.71 -2.19
C LYS A 93 -10.03 11.66 -1.24
N ASP A 94 -10.44 12.80 -1.77
CA ASP A 94 -11.17 13.78 -0.97
C ASP A 94 -12.58 13.30 -0.63
N VAL A 95 -13.21 12.63 -1.58
CA VAL A 95 -14.56 12.07 -1.38
C VAL A 95 -14.57 11.10 -0.21
N ALA A 96 -13.54 10.27 -0.12
CA ALA A 96 -13.42 9.29 0.95
C ALA A 96 -13.33 9.96 2.32
N GLN A 97 -12.55 11.03 2.42
CA GLN A 97 -12.37 11.75 3.67
C GLN A 97 -13.66 12.45 4.10
N ILE A 98 -14.37 13.01 3.11
CA ILE A 98 -15.64 13.66 3.37
C ILE A 98 -16.69 12.63 3.79
N PHE A 99 -16.67 11.48 3.13
CA PHE A 99 -17.62 10.41 3.40
C PHE A 99 -17.42 9.82 4.78
N ASN A 100 -16.18 9.47 5.11
CA ASN A 100 -15.86 8.84 6.38
C ASN A 100 -16.05 9.76 7.59
N ASN A 101 -15.93 11.06 7.36
CA ASN A 101 -16.05 12.03 8.45
C ASN A 101 -17.49 12.20 8.94
N ILE A 102 -18.42 12.31 8.00
CA ILE A 102 -19.83 12.46 8.34
C ILE A 102 -20.43 11.13 8.78
N LEU A 103 -19.78 10.03 8.38
CA LEU A 103 -20.23 8.70 8.77
C LEU A 103 -20.00 8.47 10.25
N ARG A 104 -18.99 9.13 10.80
CA ARG A 104 -18.64 9.02 12.20
C ARG A 104 -19.39 10.05 13.05
N ARG A 105 -20.04 10.99 12.37
CA ARG A 105 -20.80 12.05 13.05
C ARG A 105 -21.90 11.47 13.94
N GLN A 106 -21.88 11.87 15.21
CA GLN A 106 -22.87 11.40 16.17
C GLN A 106 -23.67 12.55 16.77
N ILE A 107 -24.95 12.30 17.02
CA ILE A 107 -25.81 13.25 17.72
C ILE A 107 -26.34 12.58 18.99
N GLY A 108 -25.56 12.63 20.05
CA GLY A 108 -25.92 11.98 21.30
C GLY A 108 -25.64 10.49 21.26
N THR A 109 -26.71 9.69 21.36
CA THR A 109 -26.59 8.24 21.35
C THR A 109 -26.98 7.67 19.99
N ARG A 110 -27.18 8.55 19.01
CA ARG A 110 -27.57 8.14 17.67
C ARG A 110 -26.51 8.50 16.65
N THR A 111 -26.56 7.84 15.49
CA THR A 111 -25.68 8.18 14.38
C THR A 111 -26.51 8.43 13.12
N PRO A 112 -26.77 9.71 12.80
CA PRO A 112 -27.69 10.13 11.75
C PRO A 112 -27.30 9.64 10.35
N THR A 113 -26.01 9.63 10.05
CA THR A 113 -25.55 9.21 8.73
C THR A 113 -25.81 7.73 8.48
N VAL A 114 -25.54 6.90 9.48
CA VAL A 114 -25.79 5.47 9.38
C VAL A 114 -27.26 5.18 9.14
N GLU A 115 -28.12 5.92 9.85
CA GLU A 115 -29.56 5.79 9.68
C GLU A 115 -30.01 6.19 8.28
N TYR A 116 -29.25 7.09 7.65
CA TYR A 116 -29.54 7.53 6.30
C TYR A 116 -29.15 6.47 5.27
N ILE A 117 -28.00 5.84 5.48
CA ILE A 117 -27.51 4.81 4.56
C ILE A 117 -28.41 3.58 4.62
N CYS A 118 -29.06 3.38 5.76
CA CYS A 118 -30.03 2.30 5.90
C CYS A 118 -31.24 2.52 5.00
N THR A 119 -31.54 3.79 4.72
CA THR A 119 -32.65 4.14 3.85
C THR A 119 -32.20 4.12 2.38
N GLN A 120 -30.90 4.35 2.18
CA GLN A 120 -30.33 4.31 0.83
C GLN A 120 -29.33 3.16 0.73
N GLN A 121 -29.85 1.93 0.65
CA GLN A 121 -29.02 0.74 0.69
C GLN A 121 -28.10 0.59 -0.53
N ASN A 122 -28.48 1.18 -1.65
CA ASN A 122 -27.70 1.05 -2.88
C ASN A 122 -26.33 1.69 -2.77
N ILE A 123 -26.17 2.61 -1.83
CA ILE A 123 -24.88 3.24 -1.55
C ILE A 123 -23.87 2.18 -1.13
N LEU A 124 -24.32 1.21 -0.37
CA LEU A 124 -23.46 0.10 0.06
C LEU A 124 -23.15 -0.84 -1.09
N PHE A 125 -24.16 -1.14 -1.90
CA PHE A 125 -23.99 -2.05 -3.03
C PHE A 125 -23.15 -1.41 -4.14
N MET A 126 -23.15 -0.08 -4.19
CA MET A 126 -22.37 0.64 -5.18
C MET A 126 -20.88 0.60 -4.82
N LEU A 127 -20.60 0.73 -3.53
CA LEU A 127 -19.23 0.65 -3.03
C LEU A 127 -18.67 -0.76 -3.21
N LEU A 128 -19.53 -1.76 -3.00
CA LEU A 128 -19.12 -3.15 -3.11
C LEU A 128 -18.77 -3.52 -4.55
N LYS A 129 -19.55 -3.00 -5.49
CA LYS A 129 -19.34 -3.27 -6.90
C LYS A 129 -18.10 -2.55 -7.40
N GLY A 130 -17.62 -1.58 -6.62
CA GLY A 130 -16.48 -0.77 -6.99
C GLY A 130 -15.18 -1.56 -7.15
N TYR A 131 -15.14 -2.76 -6.58
CA TYR A 131 -13.96 -3.61 -6.67
C TYR A 131 -13.74 -4.12 -8.09
N GLU A 132 -14.79 -4.11 -8.89
CA GLU A 132 -14.70 -4.55 -10.28
C GLU A 132 -14.12 -3.46 -11.18
N SER A 133 -14.10 -2.23 -10.66
CA SER A 133 -13.51 -1.10 -11.38
C SER A 133 -12.24 -0.63 -10.69
N PRO A 134 -11.07 -0.95 -11.27
CA PRO A 134 -9.75 -0.68 -10.70
C PRO A 134 -9.48 0.79 -10.42
N GLU A 135 -10.08 1.67 -11.22
CA GLU A 135 -9.86 3.11 -11.08
C GLU A 135 -10.30 3.65 -9.73
N ILE A 136 -11.32 3.02 -9.15
CA ILE A 136 -11.90 3.49 -7.90
C ILE A 136 -11.92 2.40 -6.83
N ALA A 137 -11.44 1.22 -7.20
CA ALA A 137 -11.50 0.04 -6.31
C ALA A 137 -10.84 0.28 -4.95
N LEU A 138 -9.72 0.98 -4.95
CA LEU A 138 -9.01 1.25 -3.70
C LEU A 138 -9.79 2.21 -2.83
N ASN A 139 -10.39 3.21 -3.44
CA ASN A 139 -11.20 4.18 -2.71
C ASN A 139 -12.51 3.58 -2.21
N CYS A 140 -13.10 2.72 -3.02
CA CYS A 140 -14.36 2.06 -2.67
C CYS A 140 -14.19 1.08 -1.52
N GLY A 141 -12.94 0.79 -1.16
CA GLY A 141 -12.65 -0.09 -0.05
C GLY A 141 -12.47 0.67 1.24
N ILE A 142 -11.84 1.84 1.16
CA ILE A 142 -11.59 2.68 2.33
C ILE A 142 -12.91 3.17 2.92
N MET A 143 -13.88 3.45 2.04
CA MET A 143 -15.20 3.89 2.47
C MET A 143 -16.06 2.72 2.96
N LEU A 144 -15.89 1.56 2.31
CA LEU A 144 -16.65 0.37 2.66
C LEU A 144 -16.25 -0.17 4.02
N ARG A 145 -14.95 -0.10 4.32
CA ARG A 145 -14.40 -0.63 5.56
C ARG A 145 -14.78 0.26 6.74
N GLU A 146 -15.26 1.46 6.44
CA GLU A 146 -15.73 2.39 7.47
C GLU A 146 -17.19 2.12 7.81
N CYS A 147 -17.97 1.76 6.78
CA CYS A 147 -19.40 1.50 6.96
C CYS A 147 -19.64 0.26 7.80
N ILE A 148 -18.85 -0.78 7.58
CA ILE A 148 -19.03 -2.05 8.26
C ILE A 148 -18.57 -2.01 9.71
N ARG A 149 -18.06 -0.86 10.15
CA ARG A 149 -17.73 -0.67 11.56
C ARG A 149 -19.03 -0.49 12.34
N HIS A 150 -20.07 -0.05 11.62
CA HIS A 150 -21.40 0.08 12.20
C HIS A 150 -22.19 -1.19 11.90
N GLU A 151 -22.74 -1.80 12.94
CA GLU A 151 -23.48 -3.06 12.81
C GLU A 151 -24.68 -3.05 11.85
N PRO A 152 -25.52 -1.99 11.89
CA PRO A 152 -26.64 -1.98 10.95
C PRO A 152 -26.19 -1.99 9.49
N LEU A 153 -25.08 -1.34 9.18
CA LEU A 153 -24.56 -1.31 7.81
C LEU A 153 -23.86 -2.61 7.45
N ALA A 154 -23.15 -3.18 8.44
CA ALA A 154 -22.44 -4.44 8.23
C ALA A 154 -23.41 -5.60 8.09
N LYS A 155 -24.62 -5.44 8.61
CA LYS A 155 -25.63 -6.48 8.57
C LYS A 155 -26.27 -6.57 7.19
N ILE A 156 -26.50 -5.43 6.57
CA ILE A 156 -27.10 -5.36 5.24
C ILE A 156 -26.25 -6.11 4.22
N ILE A 157 -24.95 -5.89 4.28
CA ILE A 157 -24.01 -6.52 3.36
C ILE A 157 -23.86 -8.02 3.64
N LEU A 158 -23.78 -8.37 4.92
CA LEU A 158 -23.53 -9.75 5.33
C LEU A 158 -24.62 -10.71 4.86
N TRP A 159 -25.87 -10.29 4.97
CA TRP A 159 -26.99 -11.13 4.55
C TRP A 159 -27.41 -10.85 3.10
N SER A 160 -26.59 -10.09 2.38
CA SER A 160 -26.85 -9.82 0.98
C SER A 160 -26.17 -10.86 0.11
N GLU A 161 -26.69 -11.05 -1.11
CA GLU A 161 -26.09 -11.99 -2.05
C GLU A 161 -24.79 -11.44 -2.63
N GLN A 162 -24.58 -10.14 -2.48
CA GLN A 162 -23.38 -9.49 -2.98
C GLN A 162 -22.18 -9.81 -2.08
N PHE A 163 -22.46 -10.36 -0.90
CA PHE A 163 -21.41 -10.75 0.02
C PHE A 163 -20.60 -11.91 -0.53
N TYR A 164 -21.26 -12.76 -1.32
CA TYR A 164 -20.60 -13.93 -1.90
C TYR A 164 -19.72 -13.57 -3.11
N ASP A 165 -19.76 -12.29 -3.50
CA ASP A 165 -18.89 -11.81 -4.56
C ASP A 165 -17.47 -11.59 -4.03
N PHE A 166 -17.32 -11.66 -2.71
CA PHE A 166 -16.03 -11.50 -2.07
C PHE A 166 -15.09 -12.66 -2.41
N PHE A 167 -15.66 -13.85 -2.59
CA PHE A 167 -14.86 -15.03 -2.93
C PHE A 167 -14.27 -14.91 -4.33
N ARG A 168 -14.81 -14.00 -5.13
CA ARG A 168 -14.27 -13.72 -6.46
C ARG A 168 -13.24 -12.59 -6.40
N TYR A 169 -13.45 -11.67 -5.46
CA TYR A 169 -12.58 -10.51 -5.32
C TYR A 169 -11.25 -10.84 -4.64
N VAL A 170 -11.26 -11.85 -3.78
CA VAL A 170 -10.07 -12.21 -3.02
C VAL A 170 -9.01 -12.90 -3.88
N GLU A 171 -9.42 -13.43 -5.03
CA GLU A 171 -8.49 -14.03 -5.98
C GLU A 171 -8.57 -13.31 -7.32
N MET A 172 -8.59 -11.98 -7.27
CA MET A 172 -8.80 -11.17 -8.46
C MET A 172 -7.50 -10.94 -9.23
N SER A 173 -6.40 -11.44 -8.70
CA SER A 173 -5.07 -11.32 -9.32
C SER A 173 -4.60 -9.88 -9.51
N THR A 174 -5.26 -8.94 -8.82
CA THR A 174 -4.82 -7.56 -8.78
C THR A 174 -4.44 -7.24 -7.34
N PHE A 175 -3.15 -7.38 -7.04
CA PHE A 175 -2.66 -7.41 -5.66
C PHE A 175 -3.02 -6.18 -4.82
N ASP A 176 -2.92 -4.99 -5.41
CA ASP A 176 -3.26 -3.77 -4.69
C ASP A 176 -4.72 -3.78 -4.26
N ILE A 177 -5.58 -4.33 -5.10
CA ILE A 177 -6.96 -4.58 -4.72
C ILE A 177 -6.98 -5.87 -3.90
N ALA A 178 -7.70 -6.88 -4.38
CA ALA A 178 -7.72 -8.24 -3.79
C ALA A 178 -7.58 -8.30 -2.27
N SER A 179 -6.39 -7.97 -1.78
CA SER A 179 -6.12 -7.94 -0.35
C SER A 179 -7.02 -6.93 0.36
N ASP A 180 -7.30 -5.83 -0.32
CA ASP A 180 -8.18 -4.79 0.21
C ASP A 180 -9.59 -5.32 0.35
N ALA A 181 -9.99 -6.19 -0.57
CA ALA A 181 -11.30 -6.83 -0.52
C ALA A 181 -11.29 -7.98 0.47
N PHE A 182 -10.09 -8.36 0.91
CA PHE A 182 -9.94 -9.43 1.90
C PHE A 182 -9.94 -8.84 3.31
N ALA A 183 -9.39 -7.64 3.44
CA ALA A 183 -9.39 -6.94 4.71
C ALA A 183 -10.82 -6.55 5.09
N THR A 184 -11.63 -6.31 4.08
CA THR A 184 -13.06 -6.04 4.28
C THR A 184 -13.78 -7.34 4.59
N PHE A 185 -13.29 -8.43 4.01
CA PHE A 185 -13.87 -9.75 4.20
C PHE A 185 -13.68 -10.25 5.63
N LYS A 186 -12.52 -9.93 6.20
CA LYS A 186 -12.23 -10.30 7.59
C LYS A 186 -13.02 -9.43 8.56
N ASP A 187 -13.11 -8.14 8.25
CA ASP A 187 -13.76 -7.18 9.13
C ASP A 187 -15.26 -7.42 9.22
N LEU A 188 -15.81 -8.13 8.24
CA LEU A 188 -17.22 -8.47 8.23
C LEU A 188 -17.51 -9.72 9.06
N LEU A 189 -16.48 -10.56 9.22
CA LEU A 189 -16.65 -11.85 9.89
C LEU A 189 -16.05 -11.88 11.29
N THR A 190 -15.43 -10.78 11.71
CA THR A 190 -14.71 -10.75 12.97
C THR A 190 -15.13 -9.61 13.91
N ARG A 191 -15.45 -8.46 13.34
CA ARG A 191 -15.79 -7.28 14.13
C ARG A 191 -17.05 -7.49 14.97
N HIS A 192 -18.19 -7.64 14.29
CA HIS A 192 -19.45 -7.91 14.98
C HIS A 192 -19.61 -9.40 15.16
N LYS A 193 -19.14 -9.91 16.30
CA LYS A 193 -19.04 -11.34 16.54
C LYS A 193 -20.39 -12.04 16.66
N LEU A 194 -21.34 -11.41 17.34
CA LEU A 194 -22.68 -11.97 17.47
C LEU A 194 -23.40 -11.95 16.13
N LEU A 195 -23.09 -10.95 15.32
CA LEU A 195 -23.68 -10.83 13.99
C LEU A 195 -23.10 -11.87 13.05
N SER A 196 -21.78 -12.08 13.14
CA SER A 196 -21.08 -13.03 12.29
C SER A 196 -21.42 -14.46 12.66
N ALA A 197 -21.48 -14.74 13.97
CA ALA A 197 -21.77 -16.09 14.45
C ALA A 197 -23.17 -16.54 14.04
N GLU A 198 -24.11 -15.59 14.00
CA GLU A 198 -25.48 -15.87 13.58
C GLU A 198 -25.52 -16.22 12.10
N PHE A 199 -24.73 -15.49 11.31
CA PHE A 199 -24.67 -15.72 9.87
C PHE A 199 -24.04 -17.06 9.53
N LEU A 200 -22.92 -17.37 10.18
CA LEU A 200 -22.21 -18.63 9.96
C LEU A 200 -23.03 -19.82 10.44
N GLU A 201 -23.82 -19.61 11.48
CA GLU A 201 -24.67 -20.66 12.03
C GLU A 201 -25.73 -21.09 11.03
N GLN A 202 -26.23 -20.15 10.24
CA GLN A 202 -27.29 -20.42 9.28
C GLN A 202 -26.75 -20.74 7.89
N HIS A 203 -25.78 -19.95 7.45
CA HIS A 203 -25.20 -20.12 6.12
C HIS A 203 -23.96 -21.01 6.14
N TYR A 204 -23.94 -21.99 7.03
CA TYR A 204 -22.77 -22.86 7.19
C TYR A 204 -22.44 -23.65 5.92
N ASP A 205 -23.43 -24.33 5.37
CA ASP A 205 -23.23 -25.21 4.23
C ASP A 205 -22.70 -24.50 2.98
N ARG A 206 -23.22 -23.32 2.71
CA ARG A 206 -22.85 -22.59 1.50
C ARG A 206 -21.55 -21.82 1.66
N PHE A 207 -21.35 -21.21 2.82
CA PHE A 207 -20.15 -20.41 3.09
C PHE A 207 -18.89 -21.25 3.07
N PHE A 208 -18.88 -22.32 3.86
CA PHE A 208 -17.69 -23.18 3.96
C PHE A 208 -17.47 -24.02 2.71
N SER A 209 -18.49 -24.12 1.87
CA SER A 209 -18.33 -24.75 0.56
C SER A 209 -17.51 -23.82 -0.33
N GLU A 210 -17.78 -22.52 -0.21
CA GLU A 210 -17.04 -21.51 -0.95
C GLU A 210 -15.67 -21.29 -0.33
N TYR A 211 -15.60 -21.35 0.99
CA TYR A 211 -14.36 -21.12 1.71
C TYR A 211 -13.36 -22.24 1.46
N GLU A 212 -13.88 -23.43 1.18
CA GLU A 212 -13.03 -24.59 0.91
C GLU A 212 -12.21 -24.40 -0.36
N LYS A 213 -12.73 -23.60 -1.29
CA LYS A 213 -12.05 -23.33 -2.54
C LYS A 213 -10.84 -22.41 -2.35
N LEU A 214 -10.88 -21.61 -1.28
CA LEU A 214 -9.77 -20.72 -0.96
C LEU A 214 -8.59 -21.52 -0.43
N LEU A 215 -8.87 -22.68 0.16
CA LEU A 215 -7.83 -23.52 0.73
C LEU A 215 -7.24 -24.44 -0.34
N HIS A 216 -7.89 -24.48 -1.50
CA HIS A 216 -7.38 -25.23 -2.64
C HIS A 216 -7.00 -24.28 -3.77
N SER A 217 -6.67 -23.04 -3.39
CA SER A 217 -6.36 -22.00 -4.37
C SER A 217 -4.91 -22.06 -4.82
N GLU A 218 -4.66 -21.73 -6.09
CA GLU A 218 -3.32 -21.64 -6.61
C GLU A 218 -2.76 -20.23 -6.37
N ASN A 219 -2.70 -19.86 -5.11
CA ASN A 219 -2.24 -18.54 -4.71
C ASN A 219 -1.68 -18.60 -3.29
N TYR A 220 -0.38 -18.39 -3.17
CA TYR A 220 0.31 -18.49 -1.88
C TYR A 220 -0.27 -17.53 -0.84
N VAL A 221 -0.57 -16.31 -1.26
CA VAL A 221 -1.12 -15.32 -0.36
C VAL A 221 -2.54 -15.70 0.06
N THR A 222 -3.40 -15.91 -0.93
CA THR A 222 -4.81 -16.25 -0.68
C THR A 222 -4.96 -17.49 0.20
N LYS A 223 -4.15 -18.51 -0.05
CA LYS A 223 -4.22 -19.75 0.71
C LYS A 223 -3.83 -19.56 2.18
N ARG A 224 -2.72 -18.87 2.43
CA ARG A 224 -2.26 -18.68 3.80
C ARG A 224 -3.05 -17.62 4.57
N GLN A 225 -3.64 -16.67 3.84
CA GLN A 225 -4.49 -15.67 4.45
C GLN A 225 -5.81 -16.30 4.92
N SER A 226 -6.37 -17.14 4.08
CA SER A 226 -7.61 -17.84 4.39
C SER A 226 -7.39 -18.86 5.50
N LEU A 227 -6.19 -19.43 5.52
CA LEU A 227 -5.84 -20.43 6.54
C LEU A 227 -5.66 -19.78 7.90
N LYS A 228 -5.24 -18.51 7.90
CA LYS A 228 -5.06 -17.76 9.13
C LYS A 228 -6.42 -17.36 9.71
N LEU A 229 -7.30 -16.86 8.83
CA LEU A 229 -8.63 -16.45 9.25
C LEU A 229 -9.45 -17.64 9.74
N LEU A 230 -9.26 -18.79 9.11
CA LEU A 230 -9.96 -20.00 9.48
C LEU A 230 -9.59 -20.43 10.90
N GLY A 231 -8.34 -20.18 11.28
CA GLY A 231 -7.88 -20.47 12.62
C GLY A 231 -8.53 -19.56 13.64
N GLU A 232 -8.67 -18.28 13.29
CA GLU A 232 -9.26 -17.30 14.18
C GLU A 232 -10.77 -17.53 14.37
N LEU A 233 -11.45 -17.84 13.27
CA LEU A 233 -12.89 -18.05 13.30
C LEU A 233 -13.32 -19.20 14.21
N LEU A 234 -12.68 -20.35 14.04
CA LEU A 234 -13.02 -21.53 14.82
C LEU A 234 -12.69 -21.36 16.30
N LEU A 235 -11.57 -20.70 16.58
CA LEU A 235 -11.11 -20.52 17.95
C LEU A 235 -11.91 -19.48 18.73
N ASP A 236 -12.58 -18.58 18.02
CA ASP A 236 -13.36 -17.54 18.67
C ASP A 236 -14.50 -18.15 19.48
N ARG A 237 -14.77 -17.57 20.65
CA ARG A 237 -15.73 -18.15 21.58
C ARG A 237 -17.18 -18.03 21.11
N HIS A 238 -17.41 -17.18 20.12
CA HIS A 238 -18.75 -16.98 19.59
C HIS A 238 -19.10 -17.98 18.50
N ASN A 239 -18.08 -18.43 17.77
CA ASN A 239 -18.28 -19.41 16.70
C ASN A 239 -18.04 -20.83 17.19
N PHE A 240 -18.43 -21.10 18.43
CA PHE A 240 -18.25 -22.42 19.03
C PHE A 240 -19.06 -23.50 18.32
N THR A 241 -20.33 -23.20 18.06
CA THR A 241 -21.21 -24.14 17.38
C THR A 241 -20.72 -24.44 15.97
N ILE A 242 -20.22 -23.39 15.31
CA ILE A 242 -19.65 -23.54 13.97
C ILE A 242 -18.39 -24.39 14.03
N MET A 243 -17.59 -24.17 15.06
CA MET A 243 -16.35 -24.91 15.26
C MET A 243 -16.60 -26.40 15.44
N THR A 244 -17.50 -26.74 16.36
CA THR A 244 -17.79 -28.13 16.68
C THR A 244 -18.35 -28.89 15.49
N LYS A 245 -19.03 -28.17 14.59
CA LYS A 245 -19.58 -28.78 13.40
C LYS A 245 -18.48 -28.97 12.35
N TYR A 246 -17.47 -28.11 12.40
CA TYR A 246 -16.36 -28.17 11.45
C TYR A 246 -15.36 -29.28 11.83
N ILE A 247 -15.07 -29.39 13.11
CA ILE A 247 -14.09 -30.35 13.59
C ILE A 247 -14.69 -31.74 13.82
N SER A 248 -15.87 -31.97 13.26
CA SER A 248 -16.52 -33.27 13.34
C SER A 248 -16.54 -33.94 11.96
N LYS A 249 -16.48 -33.12 10.92
CA LYS A 249 -16.48 -33.61 9.54
C LYS A 249 -15.14 -34.25 9.21
N PRO A 250 -15.17 -35.48 8.67
CA PRO A 250 -13.97 -36.24 8.31
C PRO A 250 -13.07 -35.51 7.30
N GLU A 251 -13.69 -34.92 6.27
CA GLU A 251 -12.94 -34.23 5.22
C GLU A 251 -12.14 -33.05 5.75
N ASN A 252 -12.74 -32.30 6.68
CA ASN A 252 -12.08 -31.15 7.27
C ASN A 252 -10.80 -31.54 8.01
N LEU A 253 -10.77 -32.77 8.52
CA LEU A 253 -9.58 -33.30 9.17
C LEU A 253 -8.59 -33.81 8.14
N LYS A 254 -9.10 -34.41 7.07
CA LYS A 254 -8.27 -34.92 5.99
C LYS A 254 -7.53 -33.79 5.30
N LEU A 255 -8.21 -32.66 5.11
CA LEU A 255 -7.65 -31.50 4.42
C LEU A 255 -6.50 -30.89 5.22
N MET A 256 -6.72 -30.73 6.53
CA MET A 256 -5.70 -30.14 7.40
C MET A 256 -4.46 -31.01 7.48
N MET A 257 -4.66 -32.32 7.50
CA MET A 257 -3.55 -33.27 7.57
C MET A 257 -2.73 -33.27 6.27
N ASN A 258 -3.40 -32.97 5.16
CA ASN A 258 -2.73 -32.91 3.87
C ASN A 258 -1.90 -31.63 3.71
N LEU A 259 -2.42 -30.53 4.23
CA LEU A 259 -1.71 -29.25 4.16
C LEU A 259 -0.51 -29.23 5.09
N LEU A 260 -0.50 -30.15 6.06
CA LEU A 260 0.61 -30.26 7.00
C LEU A 260 1.90 -30.74 6.32
N ARG A 261 1.76 -31.34 5.14
CA ARG A 261 2.91 -31.92 4.45
C ARG A 261 3.63 -30.95 3.52
N ASP A 262 3.55 -31.23 2.22
CA ASP A 262 4.39 -30.55 1.22
C ASP A 262 4.09 -29.07 1.01
N LYS A 263 4.70 -28.52 -0.05
CA LYS A 263 4.60 -27.10 -0.41
C LYS A 263 5.30 -26.14 0.56
N SER A 264 4.55 -25.17 1.07
CA SER A 264 5.16 -24.09 1.85
C SER A 264 5.38 -24.43 3.32
N ARG A 265 6.19 -23.61 3.99
CA ARG A 265 6.49 -23.78 5.40
C ARG A 265 5.44 -23.07 6.25
N ASN A 266 5.10 -21.84 5.88
CA ASN A 266 4.11 -21.06 6.60
C ASN A 266 2.70 -21.62 6.47
N ILE A 267 2.44 -22.29 5.35
CA ILE A 267 1.13 -22.90 5.12
C ILE A 267 0.97 -24.15 5.99
N GLN A 268 1.98 -25.01 6.00
CA GLN A 268 1.95 -26.22 6.82
C GLN A 268 2.06 -25.87 8.29
N PHE A 269 2.51 -24.65 8.58
CA PHE A 269 2.60 -24.16 9.95
C PHE A 269 1.23 -23.75 10.46
N GLU A 270 0.46 -23.07 9.61
CA GLU A 270 -0.87 -22.63 9.96
C GLU A 270 -1.87 -23.78 9.93
N ALA A 271 -1.53 -24.83 9.17
CA ALA A 271 -2.34 -26.03 9.14
C ALA A 271 -2.30 -26.72 10.49
N PHE A 272 -1.19 -26.53 11.20
CA PHE A 272 -1.01 -27.07 12.54
C PHE A 272 -1.93 -26.38 13.55
N HIS A 273 -2.14 -25.08 13.34
CA HIS A 273 -2.94 -24.28 14.29
C HIS A 273 -4.43 -24.43 14.06
N VAL A 274 -4.82 -25.33 13.16
CA VAL A 274 -6.22 -25.65 12.94
C VAL A 274 -6.41 -27.15 13.20
N PHE A 275 -5.37 -27.92 12.91
CA PHE A 275 -5.39 -29.37 13.13
C PHE A 275 -5.48 -29.71 14.62
N LYS A 276 -4.89 -28.86 15.45
CA LYS A 276 -4.89 -29.09 16.88
C LYS A 276 -6.29 -28.97 17.49
N VAL A 277 -7.17 -28.26 16.81
CA VAL A 277 -8.54 -28.09 17.28
C VAL A 277 -9.30 -29.40 17.15
N PHE A 278 -9.01 -30.16 16.10
CA PHE A 278 -9.61 -31.47 15.90
C PHE A 278 -9.21 -32.41 17.02
N VAL A 279 -7.95 -32.33 17.43
CA VAL A 279 -7.40 -33.20 18.46
C VAL A 279 -7.88 -32.81 19.85
N ALA A 280 -7.95 -31.50 20.10
CA ALA A 280 -8.35 -30.99 21.41
C ALA A 280 -9.83 -31.24 21.70
N ASN A 281 -10.59 -31.57 20.66
CA ASN A 281 -12.02 -31.84 20.78
C ASN A 281 -12.31 -33.02 21.70
N PRO A 282 -12.95 -32.74 22.85
CA PRO A 282 -13.29 -33.79 23.82
C PRO A 282 -14.47 -34.63 23.34
N ASN A 283 -15.21 -34.11 22.37
CA ASN A 283 -16.36 -34.82 21.81
C ASN A 283 -16.09 -35.30 20.39
N LYS A 284 -15.10 -36.16 20.24
CA LYS A 284 -14.76 -36.74 18.95
C LYS A 284 -15.91 -37.60 18.44
N THR A 285 -15.96 -37.80 17.13
CA THR A 285 -16.93 -38.71 16.54
C THR A 285 -16.21 -39.91 15.92
N GLN A 286 -16.94 -41.00 15.72
CA GLN A 286 -16.38 -42.21 15.12
C GLN A 286 -15.71 -41.99 13.75
N PRO A 287 -16.33 -41.20 12.84
CA PRO A 287 -15.63 -40.95 11.58
C PRO A 287 -14.36 -40.12 11.76
N ILE A 288 -14.32 -39.27 12.79
CA ILE A 288 -13.14 -38.46 13.05
C ILE A 288 -12.08 -39.27 13.80
N LEU A 289 -12.51 -40.37 14.41
CA LEU A 289 -11.61 -41.21 15.20
C LEU A 289 -11.03 -42.35 14.37
N ASP A 290 -11.77 -42.77 13.35
CA ASP A 290 -11.30 -43.82 12.44
C ASP A 290 -10.16 -43.32 11.57
N ILE A 291 -10.05 -42.00 11.46
CA ILE A 291 -8.98 -41.38 10.68
C ILE A 291 -7.72 -41.22 11.53
N LEU A 292 -7.91 -40.91 12.81
CA LEU A 292 -6.80 -40.70 13.72
C LEU A 292 -6.11 -42.00 14.16
N LEU A 293 -6.77 -43.12 13.92
CA LEU A 293 -6.22 -44.41 14.32
C LEU A 293 -5.68 -45.24 13.15
N LYS A 294 -6.25 -45.05 11.97
CA LYS A 294 -5.76 -45.71 10.78
C LYS A 294 -4.45 -45.05 10.36
N ASN A 295 -4.28 -43.80 10.74
CA ASN A 295 -3.02 -43.10 10.58
C ASN A 295 -2.44 -42.76 11.95
N GLN A 296 -2.31 -43.77 12.79
CA GLN A 296 -1.93 -43.58 14.19
C GLN A 296 -0.44 -43.27 14.36
N ALA A 297 0.40 -44.15 13.83
CA ALA A 297 1.85 -44.05 14.04
C ALA A 297 2.49 -42.86 13.35
N LYS A 298 2.19 -42.68 12.06
CA LYS A 298 2.83 -41.66 11.23
C LYS A 298 2.76 -40.25 11.81
N LEU A 299 1.67 -39.93 12.50
CA LEU A 299 1.50 -38.62 13.11
C LEU A 299 2.49 -38.41 14.24
N ILE A 300 2.69 -39.45 15.05
CA ILE A 300 3.60 -39.39 16.18
C ILE A 300 5.04 -39.13 15.73
N GLU A 301 5.39 -39.70 14.58
CA GLU A 301 6.74 -39.56 14.03
C GLU A 301 6.91 -38.23 13.29
N PHE A 302 5.86 -37.83 12.57
CA PHE A 302 5.91 -36.61 11.78
C PHE A 302 5.96 -35.36 12.67
N LEU A 303 5.27 -35.42 13.81
CA LEU A 303 5.26 -34.31 14.74
C LEU A 303 6.60 -34.14 15.44
N SER A 304 7.26 -35.26 15.72
CA SER A 304 8.57 -35.23 16.37
C SER A 304 9.61 -34.57 15.48
N LYS A 305 9.44 -34.71 14.17
CA LYS A 305 10.36 -34.12 13.21
C LYS A 305 9.73 -32.92 12.50
N PHE A 306 8.54 -32.51 12.97
CA PHE A 306 7.88 -31.34 12.43
C PHE A 306 8.75 -30.11 12.70
N GLN A 307 8.82 -29.21 11.72
CA GLN A 307 9.85 -28.18 11.72
C GLN A 307 9.66 -27.04 12.73
N ASN A 308 10.70 -26.64 13.50
CA ASN A 308 11.93 -27.33 13.95
C ASN A 308 12.83 -26.33 14.66
N ASP A 309 12.29 -25.16 14.95
CA ASP A 309 13.13 -24.04 15.40
C ASP A 309 12.57 -23.27 16.59
N ARG A 310 12.59 -21.95 16.49
CA ARG A 310 12.24 -21.06 17.60
C ARG A 310 10.78 -20.65 17.61
N THR A 311 9.90 -21.62 17.79
CA THR A 311 8.46 -21.38 17.91
C THR A 311 7.89 -20.58 16.73
N PHE A 316 5.61 -24.06 21.67
CA PHE A 316 5.34 -24.69 20.39
C PHE A 316 5.46 -26.21 20.50
N ASN A 317 6.60 -26.67 21.00
CA ASN A 317 6.84 -28.11 21.16
C ASN A 317 6.06 -28.69 22.33
N ASP A 318 5.61 -27.83 23.24
CA ASP A 318 4.79 -28.27 24.36
C ASP A 318 3.42 -28.71 23.85
N GLU A 319 3.00 -28.12 22.74
CA GLU A 319 1.76 -28.53 22.08
C GLU A 319 2.00 -29.76 21.24
N LYS A 320 3.21 -29.85 20.66
CA LYS A 320 3.59 -30.98 19.83
C LYS A 320 3.81 -32.25 20.66
N THR A 321 3.73 -32.10 21.98
CA THR A 321 3.87 -33.23 22.89
C THR A 321 2.50 -33.68 23.38
N TYR A 322 1.65 -32.71 23.73
CA TYR A 322 0.31 -33.02 24.21
C TYR A 322 -0.54 -33.65 23.12
N LEU A 323 -0.30 -33.24 21.87
CA LEU A 323 -0.99 -33.83 20.73
C LEU A 323 -0.60 -35.30 20.59
N VAL A 324 0.70 -35.57 20.69
CA VAL A 324 1.21 -36.93 20.66
C VAL A 324 0.57 -37.78 21.75
N LYS A 325 0.46 -37.18 22.94
CA LYS A 325 -0.18 -37.83 24.08
C LYS A 325 -1.63 -38.22 23.76
N GLN A 326 -2.34 -37.32 23.09
CA GLN A 326 -3.74 -37.54 22.73
C GLN A 326 -3.90 -38.65 21.69
N ILE A 327 -3.08 -38.61 20.65
CA ILE A 327 -3.12 -39.61 19.59
C ILE A 327 -2.68 -40.97 20.14
N ARG A 328 -1.80 -40.92 21.15
CA ARG A 328 -1.30 -42.13 21.78
C ARG A 328 -2.38 -42.76 22.66
N ASP A 329 -3.23 -41.91 23.24
CA ASP A 329 -4.35 -42.38 24.06
C ASP A 329 -5.66 -42.32 23.30
N HIS B 13 -8.32 -9.31 -17.80
CA HIS B 13 -8.80 -8.68 -16.59
C HIS B 13 -9.29 -9.73 -15.59
N SER B 14 -8.93 -9.54 -14.32
CA SER B 14 -9.37 -10.41 -13.21
C SER B 14 -9.02 -11.89 -13.39
N ARG B 15 -8.12 -12.38 -12.55
CA ARG B 15 -7.64 -13.75 -12.61
C ARG B 15 -6.94 -14.03 -13.94
N VAL B 16 -5.74 -13.48 -14.09
CA VAL B 16 -4.96 -13.64 -15.31
C VAL B 16 -3.47 -13.49 -15.02
N ASP B 17 -2.67 -14.43 -15.49
CA ASP B 17 -1.23 -14.41 -15.28
C ASP B 17 -0.61 -13.15 -15.87
N PRO B 18 0.24 -12.45 -15.10
CA PRO B 18 0.85 -11.17 -15.48
C PRO B 18 1.58 -11.20 -16.82
N GLU B 19 2.08 -12.37 -17.22
CA GLU B 19 2.85 -12.46 -18.45
C GLU B 19 1.94 -12.40 -19.67
N GLU B 20 0.64 -12.65 -19.45
CA GLU B 20 -0.34 -12.54 -20.53
C GLU B 20 -0.46 -11.11 -21.11
N LEU B 21 -0.17 -10.10 -20.29
CA LEU B 21 -0.25 -8.69 -20.72
C LEU B 21 1.07 -7.94 -20.66
N PHE B 22 1.94 -8.31 -19.72
CA PHE B 22 3.25 -7.69 -19.60
C PHE B 22 4.32 -8.72 -19.97
N THR B 23 5.21 -8.36 -20.90
CA THR B 23 6.32 -9.24 -21.24
C THR B 23 7.64 -8.63 -20.80
N LYS B 24 8.60 -9.49 -20.46
CA LYS B 24 9.91 -9.04 -20.01
C LYS B 24 10.91 -8.97 -21.16
N LEU B 25 11.89 -8.08 -21.02
CA LEU B 25 12.91 -7.92 -22.05
C LEU B 25 14.31 -8.04 -21.47
N ASP B 26 14.85 -6.89 -21.03
CA ASP B 26 16.23 -6.83 -20.55
C ASP B 26 16.30 -6.92 -19.03
N ARG B 27 17.19 -6.13 -18.44
CA ARG B 27 17.34 -6.05 -17.00
C ARG B 27 18.04 -4.75 -16.62
N ILE B 28 17.27 -3.68 -16.41
CA ILE B 28 17.85 -2.42 -15.98
C ILE B 28 18.03 -2.42 -14.46
N GLY B 29 18.71 -1.39 -13.95
CA GLY B 29 18.95 -1.31 -12.52
C GLY B 29 19.90 -2.42 -12.08
N LYS B 30 20.98 -2.57 -12.84
CA LYS B 30 22.10 -3.49 -12.60
C LYS B 30 22.13 -4.24 -11.26
N GLY B 31 21.07 -4.97 -10.95
CA GLY B 31 20.97 -5.68 -9.69
C GLY B 31 20.79 -4.74 -8.51
N SER B 32 20.66 -3.45 -8.81
CA SER B 32 20.52 -2.42 -7.79
C SER B 32 19.20 -2.55 -7.05
N PHE B 33 18.10 -2.40 -7.78
CA PHE B 33 16.78 -2.56 -7.21
C PHE B 33 16.40 -4.04 -7.26
N GLY B 34 15.43 -4.42 -6.43
CA GLY B 34 15.03 -5.81 -6.30
C GLY B 34 14.49 -6.43 -7.58
N GLU B 35 15.41 -6.73 -8.50
CA GLU B 35 15.08 -7.40 -9.76
C GLU B 35 14.04 -6.66 -10.58
N VAL B 36 14.49 -5.64 -11.31
CA VAL B 36 13.62 -4.84 -12.16
C VAL B 36 13.97 -5.00 -13.62
N TYR B 37 12.95 -5.20 -14.45
CA TYR B 37 13.11 -5.44 -15.87
C TYR B 37 12.54 -4.30 -16.70
N LYS B 38 12.86 -4.31 -17.99
CA LYS B 38 12.23 -3.43 -18.95
C LYS B 38 11.18 -4.24 -19.71
N GLY B 39 9.98 -3.67 -19.86
CA GLY B 39 8.89 -4.40 -20.50
C GLY B 39 7.89 -3.53 -21.21
N ILE B 40 7.01 -4.17 -21.99
CA ILE B 40 5.94 -3.46 -22.68
C ILE B 40 4.59 -4.05 -22.32
N ASP B 41 3.56 -3.23 -22.41
CA ASP B 41 2.20 -3.71 -22.21
C ASP B 41 1.65 -4.17 -23.55
N ASN B 42 1.37 -5.47 -23.66
CA ASN B 42 0.96 -6.07 -24.94
C ASN B 42 -0.27 -5.44 -25.59
N HIS B 43 -1.01 -4.65 -24.83
CA HIS B 43 -2.19 -3.98 -25.37
C HIS B 43 -1.89 -2.57 -25.85
N THR B 44 -1.18 -1.80 -25.02
CA THR B 44 -0.85 -0.42 -25.35
C THR B 44 0.48 -0.30 -26.10
N LYS B 45 1.28 -1.36 -26.03
CA LYS B 45 2.57 -1.42 -26.72
C LYS B 45 3.56 -0.35 -26.26
N GLU B 46 3.28 0.27 -25.10
CA GLU B 46 4.16 1.29 -24.56
C GLU B 46 5.09 0.71 -23.49
N VAL B 47 6.24 1.35 -23.30
CA VAL B 47 7.26 0.82 -22.40
C VAL B 47 6.96 1.09 -20.92
N VAL B 48 7.29 0.11 -20.08
CA VAL B 48 7.14 0.25 -18.63
C VAL B 48 8.31 -0.43 -17.93
N ALA B 49 8.39 -0.24 -16.60
CA ALA B 49 9.43 -0.87 -15.80
C ALA B 49 8.81 -1.85 -14.82
N ILE B 50 9.09 -3.14 -14.99
CA ILE B 50 8.48 -4.18 -14.17
C ILE B 50 9.43 -4.70 -13.11
N LYS B 51 9.01 -4.61 -11.85
CA LYS B 51 9.77 -5.21 -10.76
C LYS B 51 9.08 -6.47 -10.26
N ILE B 52 9.83 -7.58 -10.24
CA ILE B 52 9.31 -8.84 -9.74
C ILE B 52 9.89 -9.16 -8.37
N ILE B 53 9.01 -9.38 -7.40
CA ILE B 53 9.43 -9.75 -6.05
C ILE B 53 8.85 -11.10 -5.66
N ASP B 54 9.73 -12.03 -5.29
CA ASP B 54 9.33 -13.36 -4.87
C ASP B 54 8.54 -13.28 -3.56
N LEU B 55 7.55 -14.15 -3.41
CA LEU B 55 6.67 -14.10 -2.25
C LEU B 55 6.66 -15.36 -1.40
N GLU B 56 7.23 -16.40 -1.97
CA GLU B 56 7.09 -17.68 -1.40
C GLU B 56 8.16 -17.75 -0.42
N GLU B 57 7.93 -17.17 0.74
CA GLU B 57 8.95 -17.24 1.73
C GLU B 57 10.11 -16.57 1.06
N ALA B 58 10.16 -15.26 1.20
CA ALA B 58 11.14 -14.51 0.48
C ALA B 58 10.44 -13.25 0.06
N GLU B 59 9.62 -12.74 0.97
CA GLU B 59 9.52 -13.33 2.28
C GLU B 59 8.10 -13.74 2.60
N ASP B 60 7.72 -13.68 3.87
CA ASP B 60 6.38 -14.10 4.24
C ASP B 60 5.78 -13.58 5.55
N GLU B 61 6.27 -12.45 6.02
CA GLU B 61 5.48 -11.54 6.85
C GLU B 61 6.16 -10.29 6.54
N ILE B 62 6.40 -10.30 5.26
CA ILE B 62 6.97 -9.27 4.39
C ILE B 62 5.63 -8.85 3.78
N GLU B 63 4.54 -9.35 4.37
CA GLU B 63 3.20 -9.04 3.88
C GLU B 63 2.95 -7.54 3.87
N ASP B 64 3.55 -6.83 4.83
CA ASP B 64 3.39 -5.39 4.93
C ASP B 64 3.81 -4.74 3.62
N ILE B 65 4.16 -5.57 2.64
CA ILE B 65 4.54 -5.13 1.29
C ILE B 65 3.57 -4.08 0.74
N GLN B 66 2.30 -4.21 1.11
CA GLN B 66 1.26 -3.24 0.76
C GLN B 66 1.67 -1.80 1.13
N GLN B 67 2.47 -1.65 2.17
CA GLN B 67 2.97 -0.33 2.58
C GLN B 67 3.63 0.39 1.40
N GLU B 68 4.55 -0.30 0.73
CA GLU B 68 5.19 0.26 -0.44
C GLU B 68 4.17 0.44 -1.57
N ILE B 69 3.20 -0.47 -1.63
CA ILE B 69 2.21 -0.46 -2.70
C ILE B 69 1.07 0.54 -2.46
N THR B 70 0.49 0.50 -1.26
CA THR B 70 -0.61 1.41 -0.91
C THR B 70 -0.18 2.86 -1.01
N VAL B 71 1.01 3.17 -0.50
CA VAL B 71 1.56 4.51 -0.57
C VAL B 71 1.81 4.92 -2.03
N LEU B 72 2.34 4.00 -2.82
CA LEU B 72 2.58 4.25 -4.24
C LEU B 72 1.30 4.57 -4.99
N SER B 73 0.20 3.94 -4.57
CA SER B 73 -1.10 4.20 -5.18
C SER B 73 -1.67 5.53 -4.70
N GLN B 74 -1.07 6.09 -3.66
CA GLN B 74 -1.49 7.38 -3.12
C GLN B 74 -0.61 8.51 -3.66
N CYS B 75 0.45 8.14 -4.35
CA CYS B 75 1.36 9.13 -4.92
C CYS B 75 0.99 9.53 -6.34
N ASP B 76 0.60 10.79 -6.50
CA ASP B 76 0.25 11.32 -7.82
C ASP B 76 0.97 12.65 -8.07
N SER B 77 2.13 12.57 -8.69
CA SER B 77 2.93 13.77 -8.96
C SER B 77 3.86 13.52 -10.14
N PRO B 78 4.05 14.54 -10.99
CA PRO B 78 4.96 14.44 -12.14
C PRO B 78 6.43 14.45 -11.73
N TYR B 79 6.69 14.55 -10.44
CA TYR B 79 8.06 14.55 -9.93
C TYR B 79 8.36 13.24 -9.20
N ILE B 80 7.38 12.36 -9.17
CA ILE B 80 7.55 11.03 -8.57
C ILE B 80 7.17 9.97 -9.60
N THR B 81 7.92 8.88 -9.65
CA THR B 81 7.62 7.78 -10.55
C THR B 81 6.24 7.19 -10.28
N ARG B 82 5.39 7.21 -11.30
CA ARG B 82 4.00 6.80 -11.14
C ARG B 82 3.84 5.29 -11.05
N TYR B 83 2.83 4.86 -10.28
CA TYR B 83 2.55 3.44 -10.07
C TYR B 83 1.32 3.02 -10.87
N PHE B 84 1.50 2.07 -11.78
CA PHE B 84 0.43 1.66 -12.69
C PHE B 84 -0.41 0.50 -12.15
N GLY B 85 0.20 -0.33 -11.30
CA GLY B 85 -0.52 -1.45 -10.72
C GLY B 85 0.37 -2.64 -10.40
N SER B 86 -0.14 -3.54 -9.57
CA SER B 86 0.60 -4.75 -9.20
C SER B 86 -0.24 -6.00 -9.45
N TYR B 87 0.42 -7.07 -9.89
CA TYR B 87 -0.26 -8.31 -10.22
C TYR B 87 0.49 -9.51 -9.66
N LEU B 88 -0.24 -10.58 -9.32
CA LEU B 88 0.37 -11.79 -8.82
C LEU B 88 -0.36 -13.04 -9.30
N LYS B 89 0.39 -14.11 -9.55
CA LYS B 89 -0.19 -15.38 -9.95
C LYS B 89 -0.29 -16.35 -8.78
N SER B 90 0.80 -16.44 -8.01
CA SER B 90 0.88 -17.27 -6.81
C SER B 90 2.14 -16.84 -6.08
N THR B 91 3.28 -17.26 -6.61
CA THR B 91 4.56 -16.70 -6.20
C THR B 91 4.87 -15.62 -7.23
N LYS B 92 5.94 -14.85 -6.99
CA LYS B 92 6.36 -13.78 -7.89
C LYS B 92 5.33 -12.67 -8.06
N LEU B 93 5.59 -11.53 -7.41
CA LEU B 93 4.69 -10.38 -7.49
C LEU B 93 5.24 -9.36 -8.49
N TRP B 94 4.41 -9.01 -9.47
CA TRP B 94 4.82 -8.06 -10.51
C TRP B 94 4.38 -6.65 -10.16
N ILE B 95 5.34 -5.74 -10.05
CA ILE B 95 5.02 -4.34 -9.76
C ILE B 95 5.39 -3.46 -10.95
N ILE B 96 4.38 -3.02 -11.69
CA ILE B 96 4.59 -2.23 -12.89
C ILE B 96 4.61 -0.73 -12.59
N MET B 97 5.64 -0.04 -13.08
CA MET B 97 5.74 1.40 -12.88
C MET B 97 6.25 2.16 -14.10
N GLU B 98 6.40 3.47 -13.95
CA GLU B 98 6.83 4.36 -15.01
C GLU B 98 8.24 4.01 -15.51
N TYR B 99 8.51 4.29 -16.77
CA TYR B 99 9.82 4.01 -17.35
C TYR B 99 10.58 5.30 -17.66
N LEU B 100 11.80 5.39 -17.15
CA LEU B 100 12.65 6.55 -17.37
C LEU B 100 13.95 6.12 -18.05
N GLY B 101 14.00 6.28 -19.37
CA GLY B 101 15.14 5.83 -20.15
C GLY B 101 16.27 6.83 -20.25
N GLY B 102 16.27 7.82 -19.36
CA GLY B 102 17.31 8.82 -19.32
C GLY B 102 18.37 8.45 -18.30
N GLY B 103 18.08 7.43 -17.49
CA GLY B 103 19.01 6.96 -16.48
C GLY B 103 18.94 7.76 -15.19
N SER B 104 19.74 7.37 -14.22
CA SER B 104 19.78 8.06 -12.93
C SER B 104 20.76 9.23 -12.97
N ALA B 105 20.71 10.06 -11.94
CA ALA B 105 21.59 11.23 -11.86
C ALA B 105 23.04 10.81 -11.65
N LEU B 106 23.23 9.63 -11.08
CA LEU B 106 24.56 9.09 -10.86
C LEU B 106 25.19 8.67 -12.18
N ASP B 107 24.35 8.23 -13.12
CA ASP B 107 24.82 7.80 -14.42
C ASP B 107 25.25 8.98 -15.28
N LEU B 108 24.75 10.16 -14.95
CA LEU B 108 25.12 11.38 -15.66
C LEU B 108 26.43 11.94 -15.11
N LEU B 109 26.88 11.38 -14.00
CA LEU B 109 28.13 11.80 -13.37
C LEU B 109 29.31 10.97 -13.86
N LYS B 110 29.01 9.76 -14.33
CA LYS B 110 30.04 8.86 -14.86
C LYS B 110 30.87 9.44 -16.03
N PRO B 111 30.23 10.16 -16.96
CA PRO B 111 31.05 10.81 -18.00
C PRO B 111 32.04 11.83 -17.43
N GLY B 112 31.55 12.73 -16.58
CA GLY B 112 32.39 13.74 -15.97
C GLY B 112 31.68 14.57 -14.93
N PRO B 113 32.30 15.69 -14.53
CA PRO B 113 31.73 16.59 -13.52
C PRO B 113 30.57 17.41 -14.08
N LEU B 114 29.76 17.99 -13.19
CA LEU B 114 28.62 18.79 -13.60
C LEU B 114 28.81 20.27 -13.28
N GLU B 115 28.43 21.12 -14.21
CA GLU B 115 28.47 22.56 -13.99
C GLU B 115 27.32 22.96 -13.09
N GLU B 116 27.45 24.08 -12.40
CA GLU B 116 26.45 24.51 -11.42
C GLU B 116 25.10 24.87 -12.02
N THR B 117 25.06 25.06 -13.34
CA THR B 117 23.82 25.34 -14.03
C THR B 117 22.90 24.12 -14.02
N TYR B 118 23.49 22.95 -14.23
CA TYR B 118 22.74 21.70 -14.23
C TYR B 118 22.35 21.29 -12.81
N ILE B 119 23.32 21.39 -11.89
CA ILE B 119 23.11 20.97 -10.51
C ILE B 119 21.99 21.75 -9.83
N ALA B 120 21.95 23.05 -10.06
CA ALA B 120 20.91 23.89 -9.49
C ALA B 120 19.54 23.55 -10.06
N THR B 121 19.52 23.12 -11.32
CA THR B 121 18.28 22.75 -11.98
C THR B 121 17.74 21.43 -11.45
N ILE B 122 18.64 20.46 -11.26
CA ILE B 122 18.25 19.15 -10.74
C ILE B 122 17.70 19.23 -9.32
N LEU B 123 18.40 19.95 -8.46
CA LEU B 123 17.99 20.12 -7.07
C LEU B 123 16.66 20.86 -6.97
N ARG B 124 16.37 21.68 -7.97
CA ARG B 124 15.11 22.41 -8.01
C ARG B 124 13.95 21.46 -8.23
N GLU B 125 14.20 20.40 -8.99
CA GLU B 125 13.17 19.42 -9.30
C GLU B 125 13.03 18.35 -8.21
N ILE B 126 14.14 18.08 -7.53
CA ILE B 126 14.14 17.16 -6.40
C ILE B 126 13.31 17.74 -5.26
N LEU B 127 13.49 19.04 -5.03
CA LEU B 127 12.73 19.76 -4.01
C LEU B 127 11.24 19.74 -4.29
N LYS B 128 10.87 19.83 -5.57
CA LYS B 128 9.47 19.75 -5.96
C LYS B 128 8.90 18.38 -5.64
N GLY B 129 9.72 17.34 -5.82
CA GLY B 129 9.32 15.99 -5.49
C GLY B 129 9.19 15.80 -4.00
N LEU B 130 10.09 16.43 -3.25
CA LEU B 130 10.05 16.38 -1.79
C LEU B 130 8.91 17.24 -1.25
N ASP B 131 8.57 18.29 -1.98
CA ASP B 131 7.48 19.19 -1.58
C ASP B 131 6.15 18.46 -1.60
N TYR B 132 5.98 17.55 -2.57
CA TYR B 132 4.76 16.78 -2.69
C TYR B 132 4.68 15.70 -1.62
N LEU B 133 5.76 14.95 -1.44
CA LEU B 133 5.80 13.86 -0.48
C LEU B 133 5.58 14.34 0.96
N HIS B 134 6.21 15.46 1.31
CA HIS B 134 6.10 16.01 2.66
C HIS B 134 4.71 16.60 2.91
N SER B 135 4.10 17.12 1.84
CA SER B 135 2.74 17.67 1.94
C SER B 135 1.72 16.54 2.08
N GLU B 136 2.08 15.36 1.58
CA GLU B 136 1.24 14.18 1.71
C GLU B 136 1.62 13.39 2.96
N ARG B 137 2.46 14.00 3.79
CA ARG B 137 2.94 13.38 5.03
C ARG B 137 3.63 12.05 4.77
N LYS B 138 4.34 11.96 3.65
CA LYS B 138 5.09 10.76 3.28
C LYS B 138 6.58 11.04 3.29
N ILE B 139 7.37 10.03 3.66
CA ILE B 139 8.82 10.18 3.75
C ILE B 139 9.52 9.22 2.81
N HIS B 140 10.51 9.71 2.06
CA HIS B 140 11.20 8.91 1.07
C HIS B 140 12.22 7.96 1.67
N ARG B 141 12.81 8.37 2.80
CA ARG B 141 13.74 7.53 3.58
C ARG B 141 15.08 7.21 2.91
N ASP B 142 15.19 7.43 1.60
CA ASP B 142 16.43 7.12 0.90
C ASP B 142 16.69 8.06 -0.27
N ILE B 143 17.16 9.26 0.04
CA ILE B 143 17.48 10.26 -0.98
C ILE B 143 18.95 10.22 -1.38
N LYS B 144 19.21 9.96 -2.66
CA LYS B 144 20.57 9.94 -3.19
C LYS B 144 20.55 10.10 -4.71
N ALA B 145 21.73 10.10 -5.32
CA ALA B 145 21.85 10.30 -6.76
C ALA B 145 21.32 9.10 -7.54
N ALA B 146 21.42 7.91 -6.96
CA ALA B 146 20.97 6.69 -7.60
C ALA B 146 19.44 6.66 -7.73
N ASN B 147 18.77 7.25 -6.75
CA ASN B 147 17.30 7.26 -6.74
C ASN B 147 16.71 8.44 -7.52
N VAL B 148 17.56 9.36 -7.94
CA VAL B 148 17.13 10.46 -8.78
C VAL B 148 17.31 10.11 -10.25
N LEU B 149 16.20 9.92 -10.96
CA LEU B 149 16.25 9.48 -12.34
C LEU B 149 15.73 10.55 -13.28
N LEU B 150 16.07 10.42 -14.56
CA LEU B 150 15.61 11.35 -15.58
C LEU B 150 14.95 10.59 -16.72
N SER B 151 14.03 11.25 -17.41
CA SER B 151 13.45 10.71 -18.63
C SER B 151 14.33 11.09 -19.81
N GLU B 152 13.80 10.96 -21.03
CA GLU B 152 14.56 11.33 -22.21
C GLU B 152 14.31 12.78 -22.60
N GLN B 153 13.27 13.37 -22.02
CA GLN B 153 12.97 14.78 -22.23
C GLN B 153 13.62 15.63 -21.14
N GLY B 154 14.27 14.95 -20.19
CA GLY B 154 15.00 15.63 -19.14
C GLY B 154 14.18 15.90 -17.89
N ASP B 155 13.08 15.18 -17.74
CA ASP B 155 12.23 15.34 -16.56
C ASP B 155 12.81 14.58 -15.38
N VAL B 156 13.06 15.31 -14.28
CA VAL B 156 13.64 14.70 -13.09
C VAL B 156 12.55 14.17 -12.15
N LYS B 157 12.59 12.87 -11.90
CA LYS B 157 11.66 12.24 -10.98
C LYS B 157 12.41 11.45 -9.92
N LEU B 158 11.92 11.46 -8.69
CA LEU B 158 12.51 10.67 -7.62
C LEU B 158 12.16 9.19 -7.81
N ALA B 159 12.65 8.34 -6.91
CA ALA B 159 12.41 6.92 -6.99
C ALA B 159 10.98 6.56 -6.57
N ALA B 160 10.84 5.45 -5.86
CA ALA B 160 9.53 4.99 -5.40
C ALA B 160 9.64 4.05 -4.21
N PHE B 161 10.56 3.09 -4.31
CA PHE B 161 10.75 2.08 -3.28
C PHE B 161 11.24 2.69 -1.96
N GLY B 162 10.46 2.54 -0.90
CA GLY B 162 10.87 2.99 0.42
C GLY B 162 10.04 4.13 0.98
N VAL B 163 9.21 4.75 0.14
CA VAL B 163 8.38 5.86 0.57
C VAL B 163 7.36 5.43 1.62
N ALA B 164 7.10 6.31 2.58
CA ALA B 164 6.18 6.02 3.67
C ALA B 164 5.38 7.26 4.06
N GLY B 179 18.78 1.56 4.85
CA GLY B 179 18.69 2.94 4.43
C GLY B 179 19.76 3.28 3.41
N THR B 180 21.01 3.41 3.86
CA THR B 180 22.12 3.77 3.02
C THR B 180 22.95 4.76 3.75
N PRO B 181 23.82 4.32 4.62
CA PRO B 181 24.56 5.21 5.50
C PRO B 181 24.76 6.61 4.96
N PHE B 182 25.90 6.78 4.33
CA PHE B 182 26.37 8.06 3.81
C PHE B 182 25.39 9.17 3.59
N TRP B 183 24.14 8.87 3.32
CA TRP B 183 23.18 9.90 3.11
C TRP B 183 22.24 9.90 4.23
N MET B 184 22.75 9.68 5.43
CA MET B 184 21.85 9.48 6.51
C MET B 184 21.77 10.70 7.34
N ALA B 185 20.73 10.82 8.14
CA ALA B 185 20.79 11.91 9.11
C ALA B 185 21.18 11.37 10.49
N PRO B 186 21.88 12.18 11.29
CA PRO B 186 22.34 11.77 12.62
C PRO B 186 21.21 11.37 13.56
N GLU B 187 20.04 12.02 13.42
CA GLU B 187 18.92 11.71 14.30
C GLU B 187 18.25 10.39 13.93
N VAL B 188 18.51 9.92 12.71
CA VAL B 188 17.95 8.65 12.25
C VAL B 188 18.80 7.49 12.78
N ILE B 189 20.11 7.65 12.74
CA ILE B 189 21.04 6.63 13.19
C ILE B 189 20.88 6.35 14.69
N LYS B 190 20.60 7.40 15.46
CA LYS B 190 20.38 7.26 16.89
C LYS B 190 18.94 6.84 17.17
N GLN B 191 18.09 6.95 16.14
CA GLN B 191 16.66 6.63 16.26
C GLN B 191 15.98 7.42 17.36
N TYR B 194 12.50 9.01 11.95
CA TYR B 194 13.00 9.46 10.64
C TYR B 194 12.12 10.57 10.06
N ASP B 195 11.91 11.63 10.85
CA ASP B 195 11.10 12.77 10.43
C ASP B 195 11.55 13.34 9.08
N PHE B 196 10.62 13.99 8.37
CA PHE B 196 10.87 14.47 7.01
C PHE B 196 12.09 15.38 6.87
N LYS B 197 12.56 15.93 7.99
CA LYS B 197 13.75 16.76 8.00
C LYS B 197 15.00 15.94 7.69
N ALA B 198 14.89 14.63 7.82
CA ALA B 198 16.01 13.73 7.50
C ALA B 198 16.25 13.67 5.99
N ASP B 199 15.18 13.88 5.21
CA ASP B 199 15.30 13.90 3.76
C ASP B 199 16.02 15.16 3.30
N ILE B 200 15.92 16.22 4.10
CA ILE B 200 16.62 17.46 3.81
C ILE B 200 18.12 17.28 4.03
N TRP B 201 18.47 16.52 5.07
CA TRP B 201 19.87 16.19 5.33
C TRP B 201 20.44 15.35 4.19
N SER B 202 19.66 14.35 3.76
CA SER B 202 20.08 13.47 2.69
C SER B 202 20.22 14.25 1.38
N LEU B 203 19.43 15.30 1.23
CA LEU B 203 19.51 16.18 0.08
C LEU B 203 20.81 16.97 0.14
N GLY B 204 21.23 17.35 1.34
CA GLY B 204 22.46 18.08 1.54
C GLY B 204 23.67 17.23 1.19
N ILE B 205 23.60 15.95 1.51
CA ILE B 205 24.67 15.01 1.17
C ILE B 205 24.69 14.78 -0.34
N THR B 206 23.51 14.77 -0.95
CA THR B 206 23.38 14.59 -2.39
C THR B 206 23.93 15.81 -3.14
N ALA B 207 23.79 16.99 -2.54
CA ALA B 207 24.32 18.21 -3.12
C ALA B 207 25.83 18.14 -3.23
N ILE B 208 26.47 17.55 -2.22
CA ILE B 208 27.91 17.32 -2.24
C ILE B 208 28.23 16.23 -3.27
N GLU B 209 27.36 15.22 -3.33
CA GLU B 209 27.55 14.11 -4.25
C GLU B 209 27.50 14.55 -5.71
N LEU B 210 26.69 15.57 -5.99
CA LEU B 210 26.57 16.11 -7.34
C LEU B 210 27.78 16.97 -7.71
N ALA B 211 28.49 17.45 -6.71
CA ALA B 211 29.63 18.34 -6.93
C ALA B 211 30.97 17.62 -6.77
N LYS B 212 30.94 16.43 -6.18
CA LYS B 212 32.16 15.66 -5.95
C LYS B 212 32.15 14.35 -6.72
N GLY B 213 30.97 13.80 -6.96
CA GLY B 213 30.83 12.51 -7.60
C GLY B 213 30.60 11.42 -6.58
N GLU B 214 30.94 11.72 -5.33
CA GLU B 214 30.76 10.78 -4.23
C GLU B 214 30.44 11.54 -2.94
N PRO B 215 29.65 10.91 -2.05
CA PRO B 215 29.30 11.53 -0.77
C PRO B 215 30.52 11.71 0.14
N PRO B 216 30.42 12.58 1.16
CA PRO B 216 31.52 12.73 2.12
C PRO B 216 31.80 11.44 2.86
N ASN B 217 33.06 11.17 3.16
CA ASN B 217 33.48 9.92 3.80
C ASN B 217 33.07 8.68 3.01
N SER B 218 33.21 8.75 1.69
CA SER B 218 32.80 7.66 0.82
C SER B 218 33.79 6.48 0.86
N ASP B 219 35.08 6.80 0.97
CA ASP B 219 36.11 5.77 0.99
C ASP B 219 36.19 5.03 2.33
N LEU B 220 35.40 5.49 3.29
CA LEU B 220 35.34 4.83 4.59
C LEU B 220 34.35 3.66 4.58
N HIS B 221 34.48 2.78 5.55
CA HIS B 221 33.55 1.67 5.70
C HIS B 221 32.21 2.21 6.22
N PRO B 222 31.10 1.81 5.57
CA PRO B 222 29.76 2.28 5.88
C PRO B 222 29.38 2.14 7.36
N MET B 223 29.94 1.14 8.04
CA MET B 223 29.66 0.95 9.46
C MET B 223 30.38 1.98 10.33
N ARG B 224 31.58 2.37 9.91
CA ARG B 224 32.33 3.40 10.61
C ARG B 224 31.64 4.76 10.44
N VAL B 225 31.03 4.95 9.27
CA VAL B 225 30.32 6.19 8.98
C VAL B 225 29.09 6.34 9.88
N LEU B 226 28.41 5.22 10.14
CA LEU B 226 27.25 5.22 11.04
C LEU B 226 27.63 5.66 12.44
N PHE B 227 28.90 5.49 12.78
CA PHE B 227 29.41 5.82 14.11
C PHE B 227 29.93 7.25 14.17
N LEU B 228 30.26 7.81 13.01
CA LEU B 228 30.87 9.13 12.95
C LEU B 228 29.89 10.26 12.65
N ILE B 229 28.79 9.94 11.99
CA ILE B 229 27.79 10.94 11.62
C ILE B 229 27.15 11.68 12.82
N PRO B 230 26.62 10.94 13.82
CA PRO B 230 25.97 11.67 14.91
C PRO B 230 26.97 12.38 15.83
N LYS B 231 28.23 11.97 15.79
CA LYS B 231 29.24 12.51 16.68
C LYS B 231 30.00 13.70 16.11
N ASN B 232 30.45 13.57 14.86
CA ASN B 232 31.24 14.62 14.22
C ASN B 232 30.40 15.78 13.69
N SER B 233 31.08 16.80 13.18
CA SER B 233 30.41 17.94 12.56
C SER B 233 29.80 17.55 11.22
N PRO B 234 28.73 18.24 10.82
CA PRO B 234 28.13 18.00 9.50
C PRO B 234 29.10 18.35 8.39
N PRO B 235 29.11 17.53 7.31
CA PRO B 235 30.00 17.73 6.17
C PRO B 235 29.87 19.12 5.55
N THR B 236 30.90 19.57 4.84
CA THR B 236 30.89 20.88 4.22
C THR B 236 31.41 20.83 2.79
N LEU B 237 30.85 21.68 1.93
CA LEU B 237 31.26 21.76 0.54
C LEU B 237 32.55 22.57 0.41
N GLU B 238 33.68 21.86 0.27
CA GLU B 238 34.97 22.50 0.14
C GLU B 238 35.47 22.43 -1.30
N GLY B 239 36.21 23.44 -1.73
CA GLY B 239 36.77 23.45 -3.07
C GLY B 239 36.45 24.72 -3.84
N GLN B 240 36.59 24.65 -5.16
CA GLN B 240 36.39 25.80 -6.02
C GLN B 240 34.95 25.87 -6.52
N HIS B 241 34.03 26.13 -5.60
CA HIS B 241 32.60 26.29 -5.94
C HIS B 241 32.06 27.60 -5.41
N SER B 242 30.89 27.99 -5.91
CA SER B 242 30.28 29.26 -5.55
C SER B 242 29.79 29.24 -4.12
N LYS B 243 29.72 30.41 -3.50
CA LYS B 243 29.23 30.53 -2.14
C LYS B 243 27.73 30.20 -1.92
N PRO B 244 26.83 30.65 -2.81
CA PRO B 244 25.43 30.23 -2.72
C PRO B 244 25.26 28.70 -2.74
N PHE B 245 26.15 28.03 -3.45
CA PHE B 245 26.18 26.57 -3.42
C PHE B 245 26.65 26.08 -2.05
N LYS B 246 27.71 26.69 -1.53
CA LYS B 246 28.26 26.29 -0.24
C LYS B 246 27.35 26.69 0.92
N GLU B 247 26.51 27.71 0.70
CA GLU B 247 25.54 28.13 1.69
C GLU B 247 24.31 27.23 1.65
N PHE B 248 23.99 26.73 0.47
CA PHE B 248 22.85 25.83 0.30
C PHE B 248 23.09 24.52 1.01
N VAL B 249 24.29 23.98 0.86
CA VAL B 249 24.69 22.73 1.52
C VAL B 249 24.72 22.91 3.04
N GLU B 250 25.21 24.07 3.47
CA GLU B 250 25.30 24.40 4.89
C GLU B 250 23.92 24.46 5.53
N ALA B 251 22.95 25.00 4.79
CA ALA B 251 21.58 25.13 5.29
C ALA B 251 20.94 23.78 5.54
N CYS B 252 21.09 22.86 4.58
CA CYS B 252 20.52 21.52 4.70
C CYS B 252 21.24 20.71 5.77
N LEU B 253 22.57 20.67 5.69
CA LEU B 253 23.36 19.90 6.64
C LEU B 253 23.44 20.57 7.99
N ASN B 254 22.37 20.42 8.78
CA ASN B 254 22.31 20.97 10.12
C ASN B 254 21.94 19.85 11.10
N LYS B 255 22.82 19.60 12.06
CA LYS B 255 22.62 18.50 13.01
C LYS B 255 21.36 18.66 13.86
N ASP B 256 20.85 19.88 13.95
CA ASP B 256 19.56 20.12 14.58
C ASP B 256 18.50 20.19 13.49
N PRO B 257 17.61 19.19 13.45
CA PRO B 257 16.55 19.08 12.43
C PRO B 257 15.61 20.28 12.42
N ARG B 258 15.51 20.97 13.55
CA ARG B 258 14.63 22.12 13.68
C ARG B 258 15.11 23.30 12.84
N PHE B 259 16.42 23.35 12.59
CA PHE B 259 17.01 24.47 11.85
C PHE B 259 17.10 24.19 10.36
N ARG B 260 16.83 22.95 9.96
CA ARG B 260 16.84 22.58 8.56
C ARG B 260 15.60 23.15 7.86
N PRO B 261 15.81 23.80 6.71
CA PRO B 261 14.71 24.39 5.94
C PRO B 261 13.78 23.33 5.38
N THR B 262 12.60 23.74 4.94
CA THR B 262 11.64 22.82 4.33
C THR B 262 11.97 22.64 2.85
N ALA B 263 11.13 21.90 2.15
CA ALA B 263 11.30 21.69 0.72
C ALA B 263 10.73 22.87 -0.07
N LYS B 264 10.06 23.77 0.64
CA LYS B 264 9.42 24.92 0.01
C LYS B 264 10.30 26.16 0.15
N GLU B 265 11.00 26.25 1.28
CA GLU B 265 11.90 27.38 1.53
C GLU B 265 13.13 27.30 0.63
N LEU B 266 13.63 26.09 0.43
CA LEU B 266 14.83 25.86 -0.37
C LEU B 266 14.58 26.12 -1.86
N LEU B 267 13.31 26.13 -2.25
CA LEU B 267 12.93 26.46 -3.62
C LEU B 267 13.07 27.96 -3.89
N LYS B 268 13.32 28.71 -2.82
CA LYS B 268 13.45 30.16 -2.90
C LYS B 268 14.87 30.59 -2.54
N HIS B 269 15.76 29.61 -2.38
CA HIS B 269 17.14 29.88 -1.99
C HIS B 269 17.90 30.58 -3.12
N LYS B 270 18.99 31.25 -2.76
CA LYS B 270 19.80 32.01 -3.72
C LYS B 270 20.35 31.14 -4.85
N PHE B 271 20.83 29.95 -4.49
CA PHE B 271 21.43 29.04 -5.45
C PHE B 271 20.40 28.50 -6.45
N ILE B 272 19.16 28.39 -6.01
CA ILE B 272 18.09 27.86 -6.86
C ILE B 272 17.45 28.95 -7.72
N THR B 273 17.24 30.12 -7.12
CA THR B 273 16.55 31.22 -7.80
C THR B 273 17.40 31.86 -8.91
N ARG B 274 18.71 31.69 -8.83
CA ARG B 274 19.61 32.24 -9.85
C ARG B 274 19.35 31.55 -11.18
N TYR B 275 19.72 30.28 -11.26
CA TYR B 275 19.58 29.50 -12.48
C TYR B 275 18.14 29.07 -12.70
N THR B 276 17.51 29.62 -13.74
CA THR B 276 16.13 29.31 -14.06
C THR B 276 16.03 28.44 -15.31
N LYS B 277 17.05 27.63 -15.54
CA LYS B 277 17.08 26.73 -16.69
C LYS B 277 16.00 25.67 -16.57
N LYS B 278 15.30 25.42 -17.67
CA LYS B 278 14.19 24.47 -17.68
C LYS B 278 14.69 23.02 -17.57
N THR B 279 13.75 22.08 -17.47
CA THR B 279 14.10 20.67 -17.34
C THR B 279 14.63 20.10 -18.65
N SER B 280 14.25 20.72 -19.76
CA SER B 280 14.71 20.28 -21.08
C SER B 280 16.19 20.60 -21.29
N PHE B 281 16.72 21.48 -20.44
CA PHE B 281 18.13 21.83 -20.48
C PHE B 281 18.99 20.67 -19.98
N LEU B 282 18.37 19.77 -19.23
CA LEU B 282 19.08 18.63 -18.65
C LEU B 282 19.24 17.49 -19.65
N THR B 283 18.85 17.73 -20.90
CA THR B 283 18.99 16.72 -21.95
C THR B 283 20.42 16.62 -22.44
N GLU B 284 21.25 17.60 -22.07
CA GLU B 284 22.65 17.62 -22.46
C GLU B 284 23.45 16.54 -21.72
N LEU B 285 23.07 16.30 -20.47
CA LEU B 285 23.73 15.28 -19.66
C LEU B 285 23.34 13.88 -20.13
N ILE B 286 22.12 13.77 -20.65
CA ILE B 286 21.62 12.50 -21.17
C ILE B 286 22.40 12.08 -22.41
N ASP B 287 22.71 13.07 -23.25
CA ASP B 287 23.44 12.81 -24.49
C ASP B 287 24.92 12.57 -24.24
N ARG B 288 25.46 13.20 -23.21
CA ARG B 288 26.88 13.09 -22.89
C ARG B 288 27.22 11.67 -22.44
N TYR B 289 26.25 10.98 -21.85
CA TYR B 289 26.46 9.61 -21.39
C TYR B 289 26.29 8.60 -22.50
N LYS B 290 25.35 8.86 -23.41
CA LYS B 290 25.08 7.93 -24.50
C LYS B 290 26.20 7.93 -25.54
N ARG B 291 27.10 8.90 -25.43
CA ARG B 291 28.29 8.94 -26.27
C ARG B 291 29.52 8.47 -25.49
N TRP B 292 29.46 8.63 -24.17
CA TRP B 292 30.56 8.24 -23.30
C TRP B 292 30.75 6.74 -23.38
N LYS B 293 29.63 6.03 -23.34
CA LYS B 293 29.61 4.57 -23.47
C LYS B 293 29.68 4.20 -24.95
N SER B 294 30.92 4.11 -25.43
CA SER B 294 31.23 3.77 -26.82
C SER B 294 32.66 3.22 -26.82
#